data_8PB2
#
_entry.id   8PB2
#
_cell.length_a   39.500
_cell.length_b   67.929
_cell.length_c   40.256
_cell.angle_alpha   90.000
_cell.angle_beta   93.510
_cell.angle_gamma   90.000
#
_symmetry.space_group_name_H-M   'P 1 21 1'
#
loop_
_entity.id
_entity.type
_entity.pdbx_description
1 polymer 'Beta-lactamase VIM-1'
2 non-polymer 'ZINC ION'
3 non-polymer '7-[(1~{S})-1-[4-(carbamimidamidomethyl)-1,2,3-triazol-1-yl]ethyl]-3-[3-fluoranyl-4-(methylsulfonylmethyl)phenyl]-1~{H}-indole-2-carboxylic acid'
4 water water
#
_entity_poly.entity_id   1
_entity_poly.type   'polypeptide(L)'
_entity_poly.pdbx_seq_one_letter_code
;MLKVISSLLVYMTASVMAVASPLAHSGEPSGEYPTVNEIPVGEVRLYQIADGVWSHIATQSFDGAVYPSNGLIVRDGDEL
LLIDTAWGAKNTAALLAEIEKQIGLPVTRAVSTHFHDDRVGGVDVLRAAGVATYASPSTRRLAEAEGNEIPTHSLEGLSS
SGDAVRFGPVELFYPGAAHSTDNLVVYVPSANVLYGGCAVHELSSTSAGNVADADLAEWPTSVERIQKHYPEAEVVIPGH
GLPGGLDLLQHTANVVKAHKNRSVAE
;
_entity_poly.pdbx_strand_id   A
#
loop_
_chem_comp.id
_chem_comp.type
_chem_comp.name
_chem_comp.formula
XQ5 non-polymer '7-[(1~{S})-1-[4-(carbamimidamidomethyl)-1,2,3-triazol-1-yl]ethyl]-3-[3-fluoranyl-4-(methylsulfonylmethyl)phenyl]-1~{H}-indole-2-carboxylic acid' 'C23 H24 F N7 O4 S'
ZN non-polymer 'ZINC ION' 'Zn 2'
#
# COMPACT_ATOMS: atom_id res chain seq x y z
N SER A 30 -18.84 5.10 10.67
CA SER A 30 -18.90 5.86 11.89
C SER A 30 -17.79 5.54 12.90
N GLY A 31 -16.54 5.41 12.43
CA GLY A 31 -15.41 5.25 13.32
C GLY A 31 -14.67 3.93 13.16
N GLU A 32 -15.37 2.87 12.75
CA GLU A 32 -14.71 1.60 12.53
C GLU A 32 -13.93 1.64 11.21
N TYR A 33 -13.01 0.72 11.04
CA TYR A 33 -12.22 0.72 9.81
C TYR A 33 -13.13 0.43 8.61
N PRO A 34 -13.03 1.20 7.50
CA PRO A 34 -14.01 1.08 6.42
C PRO A 34 -13.82 -0.24 5.68
N THR A 35 -14.92 -0.80 5.21
CA THR A 35 -14.94 -2.00 4.37
C THR A 35 -15.74 -1.69 3.12
N VAL A 36 -15.75 -2.66 2.19
N VAL A 36 -15.79 -2.64 2.19
CA VAL A 36 -16.53 -2.53 0.95
CA VAL A 36 -16.58 -2.40 0.98
C VAL A 36 -18.00 -2.29 1.20
C VAL A 36 -18.00 -1.97 1.29
N ASN A 37 -18.54 -2.81 2.30
N ASN A 37 -18.57 -2.41 2.41
CA ASN A 37 -19.96 -2.63 2.56
CA ASN A 37 -19.99 -2.17 2.64
C ASN A 37 -20.25 -1.17 2.87
C ASN A 37 -20.26 -0.79 3.20
N GLU A 38 -19.23 -0.44 3.27
N GLU A 38 -19.22 -0.03 3.51
CA GLU A 38 -19.29 1.00 3.37
CA GLU A 38 -19.37 1.31 4.07
C GLU A 38 -18.67 1.68 2.17
C GLU A 38 -18.81 2.38 3.16
N ILE A 39 -18.06 0.94 1.24
N ILE A 39 -18.32 2.03 1.98
CA ILE A 39 -17.35 1.55 0.14
CA ILE A 39 -17.79 3.02 1.05
C ILE A 39 -17.85 1.01 -1.19
C ILE A 39 -18.78 3.13 -0.11
N PRO A 40 -18.77 1.72 -1.82
N PRO A 40 -19.43 4.27 -0.31
CA PRO A 40 -19.06 1.46 -3.23
CA PRO A 40 -20.36 4.40 -1.43
C PRO A 40 -17.80 1.70 -4.06
C PRO A 40 -19.66 4.18 -2.76
N VAL A 41 -17.65 0.92 -5.12
N VAL A 41 -20.46 3.81 -3.76
CA VAL A 41 -16.54 1.17 -6.01
CA VAL A 41 -19.92 3.43 -5.06
C VAL A 41 -16.67 2.57 -6.60
C VAL A 41 -19.05 4.55 -5.60
N GLY A 42 -15.59 3.36 -6.48
N GLY A 42 -17.84 4.19 -6.03
CA GLY A 42 -15.57 4.75 -6.90
CA GLY A 42 -16.90 5.13 -6.63
C GLY A 42 -15.49 5.76 -5.77
C GLY A 42 -16.25 6.11 -5.68
N GLU A 43 -15.78 5.33 -4.55
N GLU A 43 -16.34 5.90 -4.37
CA GLU A 43 -15.73 6.19 -3.36
CA GLU A 43 -15.83 6.87 -3.40
C GLU A 43 -14.45 5.88 -2.61
C GLU A 43 -14.64 6.25 -2.65
N VAL A 44 -14.00 6.86 -1.83
N VAL A 44 -13.97 7.10 -1.86
CA VAL A 44 -12.78 6.70 -1.03
CA VAL A 44 -12.81 6.74 -1.08
C VAL A 44 -13.06 7.14 0.39
C VAL A 44 -13.07 7.23 0.34
N ARG A 45 -12.57 6.37 1.35
N ARG A 45 -12.58 6.49 1.32
CA ARG A 45 -12.59 6.73 2.75
CA ARG A 45 -12.66 6.94 2.70
C ARG A 45 -11.17 6.96 3.24
C ARG A 45 -11.27 6.93 3.32
N LEU A 46 -11.04 7.84 4.23
N LEU A 46 -11.05 7.86 4.25
CA LEU A 46 -9.80 7.99 4.97
CA LEU A 46 -9.80 7.98 4.97
C LEU A 46 -10.02 7.53 6.40
C LEU A 46 -10.02 7.54 6.41
N TYR A 47 -8.95 7.04 7.02
CA TYR A 47 -9.00 6.59 8.40
C TYR A 47 -7.77 7.11 9.12
N GLN A 48 -7.96 7.83 10.21
CA GLN A 48 -6.85 8.36 10.97
C GLN A 48 -6.16 7.24 11.73
N ILE A 49 -4.87 7.04 11.44
CA ILE A 49 -4.08 6.00 12.08
C ILE A 49 -3.32 6.54 13.28
N ALA A 50 -2.76 7.74 13.16
CA ALA A 50 -1.94 8.37 14.19
C ALA A 50 -1.89 9.84 13.83
N ASP A 51 -1.29 10.66 14.68
CA ASP A 51 -1.12 12.05 14.34
CA ASP A 51 -1.12 12.05 14.34
C ASP A 51 -0.36 12.17 13.02
N GLY A 52 -0.95 12.85 12.04
CA GLY A 52 -0.31 13.02 10.76
C GLY A 52 -0.20 11.80 9.87
N VAL A 53 -0.93 10.73 10.18
CA VAL A 53 -0.93 9.50 9.41
C VAL A 53 -2.36 9.04 9.20
N TRP A 54 -2.74 8.83 7.94
CA TRP A 54 -4.03 8.27 7.58
C TRP A 54 -3.82 7.08 6.66
N SER A 55 -4.73 6.15 6.67
CA SER A 55 -4.85 5.26 5.53
C SER A 55 -5.98 5.73 4.63
N HIS A 56 -5.90 5.34 3.36
CA HIS A 56 -6.99 5.53 2.42
C HIS A 56 -7.49 4.16 1.97
N ILE A 57 -8.81 4.04 1.80
CA ILE A 57 -9.48 2.79 1.49
C ILE A 57 -10.42 3.04 0.31
N ALA A 58 -10.32 2.16 -0.68
CA ALA A 58 -11.19 2.22 -1.84
C ALA A 58 -11.53 0.80 -2.24
N THR A 59 -12.45 0.65 -3.18
CA THR A 59 -12.78 -0.69 -3.65
CA THR A 59 -12.88 -0.65 -3.65
C THR A 59 -12.78 -0.71 -5.16
N GLN A 60 -12.51 -1.89 -5.68
CA GLN A 60 -12.38 -2.08 -7.11
C GLN A 60 -12.81 -3.48 -7.48
N SER A 61 -13.30 -3.61 -8.70
N SER A 61 -13.30 -3.62 -8.69
CA SER A 61 -13.69 -4.88 -9.32
CA SER A 61 -13.64 -4.92 -9.23
C SER A 61 -12.52 -5.41 -10.15
C SER A 61 -12.50 -5.41 -10.12
N PHE A 62 -12.26 -6.71 -10.05
CA PHE A 62 -11.16 -7.35 -10.78
C PHE A 62 -11.59 -8.78 -11.04
N ASP A 63 -11.61 -9.18 -12.31
CA ASP A 63 -12.02 -10.53 -12.69
C ASP A 63 -13.36 -10.92 -12.05
N GLY A 64 -14.27 -9.96 -11.96
CA GLY A 64 -15.62 -10.27 -11.53
C GLY A 64 -15.83 -10.39 -10.04
N ALA A 65 -14.89 -9.93 -9.23
CA ALA A 65 -15.06 -9.87 -7.78
C ALA A 65 -14.62 -8.49 -7.30
N VAL A 66 -15.15 -8.10 -6.15
CA VAL A 66 -14.90 -6.79 -5.57
C VAL A 66 -13.96 -6.93 -4.39
N TYR A 67 -12.96 -6.06 -4.31
CA TYR A 67 -11.95 -6.10 -3.29
C TYR A 67 -11.71 -4.71 -2.72
N PRO A 68 -11.43 -4.59 -1.42
CA PRO A 68 -10.90 -3.35 -0.86
C PRO A 68 -9.39 -3.30 -1.07
N SER A 69 -8.84 -2.07 -0.99
N SER A 69 -8.86 -2.08 -0.89
CA SER A 69 -7.40 -1.94 -0.89
CA SER A 69 -7.44 -1.85 -0.95
C SER A 69 -7.06 -0.66 -0.17
C SER A 69 -7.09 -0.64 -0.10
N ASN A 70 -5.90 -0.68 0.51
CA ASN A 70 -5.40 0.41 1.33
C ASN A 70 -4.23 1.13 0.66
N GLY A 71 -4.07 2.39 1.04
CA GLY A 71 -2.85 3.14 0.88
C GLY A 71 -2.60 3.99 2.11
N LEU A 72 -1.61 4.86 2.05
CA LEU A 72 -1.22 5.67 3.19
C LEU A 72 -1.09 7.14 2.79
N ILE A 73 -1.33 8.03 3.77
CA ILE A 73 -1.11 9.46 3.62
C ILE A 73 -0.32 9.90 4.84
N VAL A 74 0.76 10.63 4.62
CA VAL A 74 1.62 11.07 5.72
C VAL A 74 1.86 12.56 5.61
N ARG A 75 1.54 13.29 6.67
N ARG A 75 1.55 13.29 6.67
CA ARG A 75 1.78 14.73 6.69
CA ARG A 75 1.77 14.72 6.65
C ARG A 75 3.27 15.01 6.64
C ARG A 75 3.26 15.02 6.64
N ASP A 76 3.63 16.00 5.79
CA ASP A 76 5.02 16.31 5.43
C ASP A 76 5.07 17.86 5.57
N GLY A 77 5.00 18.36 6.82
CA GLY A 77 4.89 19.79 7.04
C GLY A 77 3.56 20.38 6.60
N ASP A 78 3.55 21.28 5.64
CA ASP A 78 2.30 21.74 5.05
C ASP A 78 1.97 21.06 3.73
N GLU A 79 2.59 19.91 3.46
CA GLU A 79 2.27 19.11 2.30
C GLU A 79 1.99 17.69 2.75
N LEU A 80 1.54 16.86 1.81
CA LEU A 80 1.28 15.45 2.07
C LEU A 80 2.07 14.55 1.13
N LEU A 81 2.55 13.45 1.69
CA LEU A 81 3.12 12.34 0.93
C LEU A 81 2.07 11.24 0.84
N LEU A 82 1.82 10.78 -0.38
CA LEU A 82 0.90 9.70 -0.64
C LEU A 82 1.66 8.41 -0.90
N ILE A 83 1.19 7.32 -0.30
CA ILE A 83 1.70 5.98 -0.59
C ILE A 83 0.58 5.20 -1.25
N ASP A 84 0.81 4.85 -2.53
CA ASP A 84 -0.06 4.04 -3.37
C ASP A 84 -1.31 4.78 -3.84
N THR A 85 -1.72 4.48 -5.06
CA THR A 85 -2.97 4.98 -5.60
C THR A 85 -4.14 4.28 -4.94
N ALA A 86 -5.36 4.69 -5.32
CA ALA A 86 -6.58 4.07 -4.82
C ALA A 86 -7.14 3.02 -5.76
N TRP A 87 -6.29 2.45 -6.62
CA TRP A 87 -6.66 1.34 -7.51
C TRP A 87 -7.62 1.79 -8.59
N GLY A 88 -7.11 2.57 -9.52
CA GLY A 88 -7.87 3.04 -10.66
C GLY A 88 -7.89 4.55 -10.78
N ALA A 89 -8.10 5.00 -12.01
CA ALA A 89 -8.12 6.42 -12.31
C ALA A 89 -9.24 7.14 -11.57
N LYS A 90 -10.48 6.65 -11.70
N LYS A 90 -10.47 6.65 -11.69
CA LYS A 90 -11.60 7.32 -11.05
CA LYS A 90 -11.56 7.37 -11.04
C LYS A 90 -11.47 7.27 -9.54
C LYS A 90 -11.47 7.28 -9.52
N ASN A 91 -11.07 6.12 -8.98
CA ASN A 91 -10.86 6.04 -7.54
C ASN A 91 -9.80 7.04 -7.08
N THR A 92 -8.72 7.20 -7.85
CA THR A 92 -7.64 8.08 -7.44
C THR A 92 -8.05 9.55 -7.54
N ALA A 93 -8.87 9.91 -8.54
CA ALA A 93 -9.43 11.26 -8.55
C ALA A 93 -10.30 11.48 -7.31
N ALA A 94 -11.09 10.47 -6.93
CA ALA A 94 -11.93 10.57 -5.75
C ALA A 94 -11.08 10.66 -4.48
N LEU A 95 -9.93 9.98 -4.47
CA LEU A 95 -8.99 10.08 -3.36
C LEU A 95 -8.51 11.52 -3.18
N LEU A 96 -8.09 12.15 -4.26
CA LEU A 96 -7.62 13.54 -4.16
C LEU A 96 -8.72 14.45 -3.65
N ALA A 97 -9.96 14.23 -4.09
CA ALA A 97 -11.07 15.04 -3.60
C ALA A 97 -11.33 14.80 -2.13
N GLU A 98 -11.25 13.54 -1.68
CA GLU A 98 -11.46 13.23 -0.27
C GLU A 98 -10.36 13.83 0.60
N ILE A 99 -9.11 13.83 0.13
CA ILE A 99 -8.04 14.46 0.87
C ILE A 99 -8.28 15.97 1.00
N GLU A 100 -8.75 16.60 -0.08
CA GLU A 100 -8.99 18.03 0.00
C GLU A 100 -10.10 18.34 1.00
N LYS A 101 -11.11 17.49 1.04
CA LYS A 101 -12.23 17.67 1.95
C LYS A 101 -11.82 17.46 3.40
N GLN A 102 -11.08 16.40 3.67
CA GLN A 102 -10.81 15.97 5.04
C GLN A 102 -9.54 16.54 5.62
N ILE A 103 -8.55 16.89 4.81
CA ILE A 103 -7.23 17.32 5.27
C ILE A 103 -6.89 18.71 4.77
N GLY A 104 -7.05 18.95 3.47
CA GLY A 104 -6.90 20.29 2.95
C GLY A 104 -5.49 20.74 2.73
N LEU A 105 -4.53 19.81 2.68
CA LEU A 105 -3.15 20.09 2.35
C LEU A 105 -2.83 19.43 1.01
N PRO A 106 -1.93 20.00 0.21
CA PRO A 106 -1.68 19.45 -1.12
C PRO A 106 -0.84 18.19 -1.08
N VAL A 107 -1.22 17.23 -1.90
CA VAL A 107 -0.39 16.04 -2.13
C VAL A 107 0.69 16.45 -3.12
N THR A 108 1.95 16.38 -2.72
CA THR A 108 3.03 16.80 -3.60
C THR A 108 3.86 15.66 -4.18
N ARG A 109 3.89 14.51 -3.51
CA ARG A 109 4.68 13.38 -3.95
C ARG A 109 3.89 12.12 -3.63
N ALA A 110 4.11 11.10 -4.44
CA ALA A 110 3.53 9.79 -4.22
C ALA A 110 4.58 8.72 -4.51
N VAL A 111 4.53 7.65 -3.72
CA VAL A 111 5.37 6.47 -3.92
C VAL A 111 4.44 5.29 -4.12
N SER A 112 4.71 4.49 -5.15
CA SER A 112 4.01 3.23 -5.37
C SER A 112 4.89 2.09 -4.91
N THR A 113 4.30 1.17 -4.12
CA THR A 113 5.09 0.16 -3.42
C THR A 113 5.25 -1.14 -4.19
N HIS A 114 4.54 -1.34 -5.30
CA HIS A 114 4.88 -2.35 -6.31
C HIS A 114 4.09 -2.04 -7.57
N PHE A 115 4.20 -2.90 -8.57
CA PHE A 115 3.80 -2.56 -9.92
C PHE A 115 2.34 -2.86 -10.27
N HIS A 116 1.59 -3.50 -9.38
CA HIS A 116 0.21 -3.88 -9.69
C HIS A 116 -0.71 -2.66 -9.70
N ASP A 117 -1.87 -2.82 -10.35
N ASP A 117 -1.89 -2.84 -10.31
CA ASP A 117 -2.81 -1.72 -10.55
CA ASP A 117 -2.81 -1.73 -10.52
C ASP A 117 -3.38 -1.15 -9.26
C ASP A 117 -3.30 -1.12 -9.22
N ASP A 118 -3.40 -1.92 -8.16
CA ASP A 118 -3.83 -1.37 -6.88
C ASP A 118 -2.79 -0.45 -6.25
N ARG A 119 -1.61 -0.31 -6.88
CA ARG A 119 -0.54 0.55 -6.40
C ARG A 119 -0.20 1.66 -7.37
N VAL A 120 -0.29 1.40 -8.69
CA VAL A 120 0.06 2.38 -9.72
C VAL A 120 -1.13 2.82 -10.55
N GLY A 121 -2.28 2.13 -10.47
CA GLY A 121 -3.41 2.52 -11.29
C GLY A 121 -3.99 3.81 -10.74
N GLY A 122 -3.86 4.90 -11.49
CA GLY A 122 -4.13 6.21 -10.99
C GLY A 122 -2.92 7.14 -11.00
N VAL A 123 -1.73 6.62 -11.30
CA VAL A 123 -0.54 7.45 -11.41
C VAL A 123 -0.70 8.52 -12.49
N ASP A 124 -1.37 8.23 -13.59
CA ASP A 124 -1.58 9.27 -14.61
C ASP A 124 -2.46 10.39 -14.06
N VAL A 125 -3.51 10.06 -13.31
CA VAL A 125 -4.32 11.08 -12.63
C VAL A 125 -3.46 11.92 -11.69
N LEU A 126 -2.62 11.27 -10.87
CA LEU A 126 -1.76 12.02 -9.95
C LEU A 126 -0.84 12.97 -10.71
N ARG A 127 -0.21 12.46 -11.76
CA ARG A 127 0.73 13.26 -12.54
C ARG A 127 0.06 14.46 -13.17
N ALA A 128 -1.19 14.33 -13.62
CA ALA A 128 -1.94 15.46 -14.17
C ALA A 128 -2.45 16.41 -13.10
N ALA A 129 -2.45 16.01 -11.85
CA ALA A 129 -2.80 16.88 -10.75
C ALA A 129 -1.57 17.47 -10.08
N GLY A 130 -0.40 17.38 -10.72
CA GLY A 130 0.81 18.01 -10.22
C GLY A 130 1.60 17.20 -9.22
N VAL A 131 1.21 15.96 -8.95
CA VAL A 131 1.90 15.13 -7.97
C VAL A 131 3.11 14.50 -8.64
N ALA A 132 4.27 14.59 -8.01
CA ALA A 132 5.46 13.90 -8.48
C ALA A 132 5.38 12.45 -8.03
N THR A 133 5.45 11.52 -8.97
CA THR A 133 5.26 10.08 -8.70
C THR A 133 6.59 9.34 -8.78
N TYR A 134 6.79 8.44 -7.83
CA TYR A 134 8.04 7.73 -7.61
C TYR A 134 7.79 6.23 -7.43
N ALA A 135 8.78 5.44 -7.84
CA ALA A 135 8.80 4.00 -7.55
C ALA A 135 10.23 3.52 -7.78
N SER A 136 10.54 2.33 -7.28
CA SER A 136 11.85 1.78 -7.56
C SER A 136 12.02 1.50 -9.05
N PRO A 137 13.26 1.41 -9.54
CA PRO A 137 13.44 1.02 -10.94
C PRO A 137 12.83 -0.34 -11.24
N SER A 138 12.86 -1.25 -10.28
N SER A 138 12.87 -1.28 -10.29
CA SER A 138 12.25 -2.57 -10.51
CA SER A 138 12.25 -2.58 -10.51
C SER A 138 10.76 -2.44 -10.74
C SER A 138 10.75 -2.44 -10.75
N THR A 139 10.07 -1.67 -9.91
CA THR A 139 8.64 -1.44 -10.09
C THR A 139 8.37 -0.77 -11.43
N ARG A 140 9.16 0.24 -11.81
CA ARG A 140 8.92 0.92 -13.06
C ARG A 140 9.07 -0.02 -14.24
N ARG A 141 10.10 -0.88 -14.22
CA ARG A 141 10.28 -1.84 -15.33
C ARG A 141 9.13 -2.83 -15.39
N LEU A 142 8.69 -3.34 -14.24
CA LEU A 142 7.59 -4.31 -14.23
C LEU A 142 6.29 -3.67 -14.69
N ALA A 143 6.02 -2.45 -14.22
CA ALA A 143 4.81 -1.75 -14.66
C ALA A 143 4.82 -1.55 -16.16
N GLU A 144 5.96 -1.08 -16.70
CA GLU A 144 6.07 -0.87 -18.13
C GLU A 144 5.83 -2.15 -18.90
N ALA A 145 6.45 -3.25 -18.47
CA ALA A 145 6.32 -4.50 -19.21
C ALA A 145 4.90 -5.03 -19.17
N GLU A 146 4.18 -4.79 -18.08
CA GLU A 146 2.82 -5.29 -17.89
CA GLU A 146 2.82 -5.29 -17.90
C GLU A 146 1.76 -4.40 -18.52
N GLY A 147 2.11 -3.19 -18.94
CA GLY A 147 1.12 -2.26 -19.43
C GLY A 147 0.39 -1.49 -18.35
N ASN A 148 0.97 -1.37 -17.17
CA ASN A 148 0.37 -0.57 -16.11
C ASN A 148 0.97 0.83 -16.14
N GLU A 149 0.32 1.75 -15.43
CA GLU A 149 0.82 3.12 -15.36
C GLU A 149 2.18 3.18 -14.66
N ILE A 150 3.01 4.10 -15.12
CA ILE A 150 4.42 4.10 -14.76
C ILE A 150 4.75 5.38 -13.98
N PRO A 151 5.15 5.27 -12.71
CA PRO A 151 5.62 6.44 -11.97
C PRO A 151 6.79 7.11 -12.69
N THR A 152 6.91 8.42 -12.50
CA THR A 152 7.88 9.20 -13.26
C THR A 152 9.32 8.98 -12.80
N HIS A 153 9.54 8.96 -11.49
CA HIS A 153 10.87 9.07 -10.91
C HIS A 153 11.31 7.75 -10.29
N SER A 154 12.57 7.42 -10.44
CA SER A 154 13.15 6.19 -9.92
C SER A 154 13.74 6.40 -8.52
N LEU A 155 13.44 5.46 -7.63
CA LEU A 155 13.99 5.45 -6.27
C LEU A 155 15.16 4.48 -6.22
N GLU A 156 16.38 5.03 -6.23
CA GLU A 156 17.59 4.25 -6.11
C GLU A 156 17.83 3.87 -4.64
N GLY A 157 18.82 3.00 -4.43
CA GLY A 157 19.19 2.64 -3.09
C GLY A 157 18.33 1.61 -2.42
N LEU A 158 17.49 0.89 -3.20
CA LEU A 158 16.55 -0.08 -2.67
C LEU A 158 16.65 -1.44 -3.38
N SER A 159 17.75 -1.69 -4.09
CA SER A 159 17.77 -2.86 -4.94
C SER A 159 18.21 -4.14 -4.23
N SER A 160 18.76 -4.07 -3.02
N SER A 160 18.72 -4.06 -3.01
CA SER A 160 19.18 -5.26 -2.28
CA SER A 160 19.24 -5.20 -2.26
C SER A 160 18.30 -5.42 -1.05
C SER A 160 18.39 -5.40 -1.01
N SER A 161 17.88 -6.65 -0.75
N SER A 161 18.01 -6.65 -0.73
CA SER A 161 17.06 -6.86 0.42
CA SER A 161 17.20 -6.95 0.45
C SER A 161 17.76 -6.35 1.67
C SER A 161 17.82 -6.33 1.70
N GLY A 162 16.99 -5.68 2.53
CA GLY A 162 17.50 -5.01 3.70
C GLY A 162 17.80 -3.54 3.47
N ASP A 163 17.78 -3.08 2.22
CA ASP A 163 18.06 -1.68 1.94
C ASP A 163 16.95 -0.78 2.47
N ALA A 164 17.34 0.41 2.90
CA ALA A 164 16.41 1.42 3.39
C ALA A 164 16.89 2.79 2.93
N VAL A 165 15.94 3.66 2.63
CA VAL A 165 16.22 5.05 2.29
C VAL A 165 15.15 5.93 2.93
N ARG A 166 15.51 7.18 3.19
CA ARG A 166 14.53 8.15 3.67
C ARG A 166 13.85 8.84 2.50
N PHE A 167 12.56 9.12 2.70
CA PHE A 167 11.76 9.83 1.70
C PHE A 167 10.78 10.70 2.47
N GLY A 168 11.09 11.97 2.63
CA GLY A 168 10.28 12.83 3.46
C GLY A 168 10.12 12.25 4.84
N PRO A 169 8.89 12.19 5.35
CA PRO A 169 8.63 11.73 6.71
C PRO A 169 8.60 10.22 6.88
N VAL A 170 8.98 9.45 5.86
CA VAL A 170 8.98 7.99 5.97
C VAL A 170 10.35 7.43 5.65
N GLU A 171 10.51 6.15 6.02
CA GLU A 171 11.58 5.29 5.53
C GLU A 171 10.98 4.26 4.61
N LEU A 172 11.60 4.07 3.46
CA LEU A 172 11.24 3.01 2.51
C LEU A 172 12.22 1.86 2.73
N PHE A 173 11.71 0.64 2.70
CA PHE A 173 12.49 -0.55 3.01
C PHE A 173 12.16 -1.63 1.99
N TYR A 174 13.18 -2.24 1.43
CA TYR A 174 12.99 -3.36 0.51
C TYR A 174 13.28 -4.66 1.27
N PRO A 175 12.27 -5.46 1.59
CA PRO A 175 12.50 -6.64 2.44
C PRO A 175 12.95 -7.87 1.68
N GLY A 176 12.96 -7.83 0.36
CA GLY A 176 13.11 -9.02 -0.45
C GLY A 176 11.79 -9.40 -1.10
N ALA A 177 11.87 -10.38 -1.99
CA ALA A 177 10.69 -10.82 -2.72
C ALA A 177 9.66 -11.44 -1.77
N ALA A 178 8.39 -11.14 -2.02
CA ALA A 178 7.31 -11.65 -1.18
C ALA A 178 6.05 -11.75 -2.04
N HIS A 179 5.12 -10.82 -1.85
CA HIS A 179 3.96 -10.74 -2.72
C HIS A 179 4.38 -10.48 -4.17
N SER A 180 5.43 -9.72 -4.36
CA SER A 180 6.01 -9.47 -5.67
C SER A 180 7.52 -9.31 -5.45
N THR A 181 8.28 -9.34 -6.53
N THR A 181 8.27 -9.34 -6.55
CA THR A 181 9.72 -9.22 -6.36
CA THR A 181 9.72 -9.22 -6.44
C THR A 181 10.13 -7.81 -5.98
C THR A 181 10.15 -7.80 -6.09
N ASP A 182 9.29 -6.82 -6.32
CA ASP A 182 9.62 -5.41 -6.13
C ASP A 182 8.98 -4.78 -4.90
N ASN A 183 8.22 -5.53 -4.12
CA ASN A 183 7.42 -4.90 -3.07
C ASN A 183 8.28 -4.14 -2.05
N LEU A 184 7.85 -2.92 -1.74
CA LEU A 184 8.45 -2.09 -0.71
C LEU A 184 7.52 -1.97 0.49
N VAL A 185 8.15 -1.68 1.64
N VAL A 185 8.11 -1.80 1.66
CA VAL A 185 7.49 -1.46 2.92
CA VAL A 185 7.34 -1.44 2.84
C VAL A 185 7.80 -0.02 3.32
C VAL A 185 7.75 -0.04 3.28
N VAL A 186 6.89 0.59 4.08
CA VAL A 186 7.04 1.98 4.45
C VAL A 186 6.87 2.10 5.96
N TYR A 187 7.81 2.78 6.61
CA TYR A 187 7.72 3.01 8.05
C TYR A 187 7.63 4.50 8.33
N VAL A 188 6.75 4.87 9.25
CA VAL A 188 6.58 6.26 9.67
C VAL A 188 7.22 6.37 11.05
N PRO A 189 8.48 6.83 11.18
CA PRO A 189 9.14 6.72 12.50
C PRO A 189 8.48 7.57 13.56
N SER A 190 7.86 8.69 13.21
CA SER A 190 7.27 9.56 14.23
C SER A 190 6.13 8.90 14.96
N ALA A 191 5.49 7.90 14.34
CA ALA A 191 4.30 7.26 14.88
C ALA A 191 4.46 5.75 15.04
N ASN A 192 5.61 5.20 14.68
CA ASN A 192 5.83 3.76 14.69
C ASN A 192 4.75 3.02 13.92
N VAL A 193 4.41 3.54 12.75
CA VAL A 193 3.45 2.92 11.85
C VAL A 193 4.21 2.19 10.77
N LEU A 194 3.92 0.91 10.63
CA LEU A 194 4.49 0.06 9.58
C LEU A 194 3.40 -0.22 8.54
N TYR A 195 3.60 0.30 7.35
CA TYR A 195 2.73 0.03 6.21
C TYR A 195 3.39 -1.07 5.41
N GLY A 196 2.82 -2.26 5.51
CA GLY A 196 3.42 -3.42 4.87
C GLY A 196 3.09 -3.56 3.40
N GLY A 197 2.07 -2.84 2.93
CA GLY A 197 1.63 -3.07 1.57
C GLY A 197 1.24 -4.53 1.39
N CYS A 198 1.29 -5.00 0.15
CA CYS A 198 0.72 -6.30 -0.14
C CYS A 198 1.59 -7.47 0.29
N ALA A 199 2.80 -7.21 0.78
CA ALA A 199 3.59 -8.22 1.44
C ALA A 199 3.05 -8.63 2.81
N VAL A 200 2.06 -7.89 3.34
CA VAL A 200 1.48 -8.17 4.65
C VAL A 200 -0.03 -8.29 4.49
N HIS A 201 -0.59 -9.35 5.06
CA HIS A 201 -2.02 -9.62 5.05
C HIS A 201 -2.66 -9.35 6.39
N GLU A 202 -3.97 -9.09 6.34
CA GLU A 202 -4.74 -8.86 7.55
C GLU A 202 -4.96 -10.17 8.33
N LEU A 203 -5.28 -10.02 9.60
CA LEU A 203 -5.40 -11.19 10.47
C LEU A 203 -6.50 -12.15 10.05
N SER A 204 -7.57 -11.65 9.46
CA SER A 204 -8.67 -12.53 9.10
C SER A 204 -8.41 -13.33 7.83
N SER A 205 -7.33 -13.07 7.13
CA SER A 205 -7.11 -13.72 5.84
C SER A 205 -6.86 -15.21 6.00
N THR A 206 -7.29 -15.96 4.99
N THR A 206 -7.32 -15.97 5.01
CA THR A 206 -7.23 -17.41 4.98
CA THR A 206 -7.22 -17.42 4.99
C THR A 206 -6.39 -17.95 3.84
C THR A 206 -6.34 -17.95 3.88
N SER A 207 -5.92 -17.11 2.95
CA SER A 207 -5.03 -17.53 1.92
C SER A 207 -4.14 -16.32 1.71
N ALA A 208 -3.22 -16.46 0.80
CA ALA A 208 -2.24 -15.42 0.58
C ALA A 208 -2.62 -14.44 -0.51
N GLY A 209 -3.92 -14.24 -0.77
CA GLY A 209 -4.32 -13.22 -1.73
C GLY A 209 -3.99 -13.60 -3.16
N ASN A 210 -3.72 -12.58 -3.98
CA ASN A 210 -3.36 -12.80 -5.38
C ASN A 210 -1.87 -13.04 -5.48
N VAL A 211 -1.49 -14.30 -5.71
CA VAL A 211 -0.11 -14.74 -5.62
C VAL A 211 0.53 -14.91 -6.98
N ALA A 212 -0.09 -14.39 -8.04
CA ALA A 212 0.40 -14.68 -9.39
C ALA A 212 1.86 -14.28 -9.55
N ASP A 213 2.28 -13.19 -8.90
CA ASP A 213 3.64 -12.68 -9.08
C ASP A 213 4.49 -12.86 -7.83
N ALA A 214 4.06 -13.71 -6.90
CA ALA A 214 4.70 -13.86 -5.62
C ALA A 214 5.86 -14.84 -5.67
N ASP A 215 6.68 -14.80 -4.62
CA ASP A 215 7.72 -15.80 -4.36
C ASP A 215 7.36 -16.39 -3.00
N LEU A 216 6.60 -17.48 -3.00
CA LEU A 216 6.10 -18.06 -1.76
C LEU A 216 7.24 -18.61 -0.91
N ALA A 217 8.33 -19.08 -1.54
CA ALA A 217 9.45 -19.63 -0.78
C ALA A 217 10.24 -18.54 -0.06
N GLU A 218 10.40 -17.39 -0.72
CA GLU A 218 11.17 -16.30 -0.13
C GLU A 218 10.34 -15.44 0.82
N TRP A 219 9.02 -15.40 0.64
CA TRP A 219 8.16 -14.51 1.41
C TRP A 219 8.37 -14.61 2.91
N PRO A 220 8.40 -15.79 3.54
CA PRO A 220 8.65 -15.81 4.99
C PRO A 220 9.98 -15.18 5.39
N THR A 221 11.03 -15.37 4.58
CA THR A 221 12.31 -14.75 4.89
C THR A 221 12.21 -13.23 4.80
N SER A 222 11.48 -12.74 3.80
CA SER A 222 11.28 -11.30 3.68
C SER A 222 10.48 -10.73 4.86
N VAL A 223 9.46 -11.48 5.31
CA VAL A 223 8.71 -11.06 6.50
C VAL A 223 9.60 -11.05 7.73
N GLU A 224 10.45 -12.06 7.88
N GLU A 224 10.45 -12.05 7.87
CA GLU A 224 11.38 -12.07 8.99
CA GLU A 224 11.38 -12.07 8.99
C GLU A 224 12.26 -10.83 8.98
C GLU A 224 12.30 -10.85 8.98
N ARG A 225 12.70 -10.39 7.79
CA ARG A 225 13.51 -9.19 7.69
C ARG A 225 12.74 -7.96 8.18
N ILE A 226 11.45 -7.87 7.82
CA ILE A 226 10.61 -6.77 8.31
C ILE A 226 10.54 -6.81 9.83
N GLN A 227 10.26 -7.98 10.39
CA GLN A 227 10.15 -8.14 11.83
C GLN A 227 11.43 -7.69 12.54
N LYS A 228 12.58 -8.06 11.98
CA LYS A 228 13.86 -7.70 12.60
C LYS A 228 14.13 -6.21 12.48
N HIS A 229 13.70 -5.60 11.38
N HIS A 229 13.72 -5.58 11.37
CA HIS A 229 14.03 -4.20 11.16
CA HIS A 229 14.07 -4.18 11.17
C HIS A 229 13.13 -3.24 11.92
C HIS A 229 13.11 -3.22 11.84
N TYR A 230 11.86 -3.62 12.12
CA TYR A 230 10.87 -2.74 12.72
C TYR A 230 10.22 -3.37 13.96
N PRO A 231 11.02 -3.70 14.98
CA PRO A 231 10.47 -4.37 16.17
C PRO A 231 9.63 -3.48 17.04
N GLU A 232 9.66 -2.18 16.85
CA GLU A 232 8.89 -1.24 17.67
C GLU A 232 7.61 -0.79 16.97
N ALA A 233 7.26 -1.39 15.83
CA ALA A 233 6.05 -0.99 15.15
C ALA A 233 4.85 -1.19 16.06
N GLU A 234 3.97 -0.19 16.11
CA GLU A 234 2.77 -0.23 16.93
C GLU A 234 1.50 -0.49 16.14
N VAL A 235 1.45 -0.05 14.91
CA VAL A 235 0.37 -0.30 13.98
C VAL A 235 1.00 -0.89 12.74
N VAL A 236 0.40 -1.95 12.23
CA VAL A 236 0.80 -2.59 10.99
C VAL A 236 -0.39 -2.56 10.05
N ILE A 237 -0.20 -2.01 8.86
CA ILE A 237 -1.27 -1.83 7.87
C ILE A 237 -1.00 -2.76 6.70
N PRO A 238 -1.94 -3.65 6.37
CA PRO A 238 -1.78 -4.54 5.20
C PRO A 238 -2.17 -3.80 3.92
N GLY A 239 -1.80 -4.38 2.78
CA GLY A 239 -2.21 -3.80 1.51
C GLY A 239 -3.71 -3.87 1.27
N HIS A 240 -4.37 -4.83 1.87
CA HIS A 240 -5.82 -5.05 1.76
C HIS A 240 -6.32 -5.47 3.14
N GLY A 241 -7.34 -4.81 3.65
CA GLY A 241 -7.96 -5.24 4.89
C GLY A 241 -7.58 -4.42 6.11
N LEU A 242 -7.86 -4.99 7.29
N LEU A 242 -7.84 -4.99 7.29
CA LEU A 242 -7.84 -4.22 8.53
CA LEU A 242 -7.81 -4.18 8.50
C LEU A 242 -6.44 -4.09 9.13
C LEU A 242 -6.40 -4.07 9.08
N PRO A 243 -6.02 -2.89 9.56
CA PRO A 243 -4.79 -2.78 10.36
C PRO A 243 -4.88 -3.53 11.67
N GLY A 244 -3.71 -3.85 12.20
CA GLY A 244 -3.58 -4.43 13.52
C GLY A 244 -2.21 -4.12 14.08
N GLY A 245 -1.66 -5.05 14.84
CA GLY A 245 -0.35 -4.94 15.41
C GLY A 245 0.66 -5.83 14.72
N LEU A 246 1.78 -6.06 15.41
CA LEU A 246 2.86 -6.87 14.84
C LEU A 246 2.41 -8.29 14.49
N ASP A 247 1.31 -8.80 15.08
CA ASP A 247 0.86 -10.15 14.78
C ASP A 247 0.57 -10.34 13.29
N LEU A 248 0.27 -9.26 12.56
CA LEU A 248 -0.01 -9.42 11.15
C LEU A 248 1.18 -10.03 10.43
N LEU A 249 2.40 -9.74 10.89
CA LEU A 249 3.58 -10.26 10.21
C LEU A 249 3.69 -11.78 10.35
N GLN A 250 3.59 -12.30 11.57
CA GLN A 250 3.61 -13.75 11.73
C GLN A 250 2.43 -14.42 11.04
N HIS A 251 1.25 -13.83 11.15
CA HIS A 251 0.09 -14.40 10.47
C HIS A 251 0.33 -14.51 8.97
N THR A 252 0.92 -13.46 8.38
CA THR A 252 1.22 -13.49 6.95
C THR A 252 2.15 -14.65 6.61
N ALA A 253 3.23 -14.81 7.37
CA ALA A 253 4.12 -15.94 7.14
C ALA A 253 3.36 -17.25 7.22
N ASN A 254 2.44 -17.37 8.19
CA ASN A 254 1.67 -18.60 8.35
C ASN A 254 0.78 -18.87 7.15
N VAL A 255 0.04 -17.86 6.69
CA VAL A 255 -0.88 -18.12 5.58
C VAL A 255 -0.12 -18.39 4.30
N VAL A 256 1.05 -17.77 4.12
CA VAL A 256 1.85 -18.00 2.93
C VAL A 256 2.42 -19.41 2.93
N LYS A 257 2.99 -19.85 4.06
CA LYS A 257 3.57 -21.20 4.15
C LYS A 257 2.50 -22.24 3.87
N ALA A 258 1.27 -22.00 4.32
CA ALA A 258 0.20 -22.98 4.08
C ALA A 258 -0.31 -22.94 2.66
N HIS A 259 -0.29 -21.77 2.02
CA HIS A 259 -0.64 -21.68 0.61
C HIS A 259 0.36 -22.50 -0.21
N LYS A 260 1.65 -22.24 -0.01
CA LYS A 260 2.70 -22.99 -0.69
C LYS A 260 2.56 -24.49 -0.45
N ASN A 261 2.39 -24.90 0.81
N ASN A 261 2.49 -24.90 0.82
CA ASN A 261 2.32 -26.31 1.16
CA ASN A 261 2.39 -26.31 1.21
C ASN A 261 0.88 -26.85 1.25
C ASN A 261 0.92 -26.72 1.36
ZN ZN B . 0.02 -6.77 -5.85
ZN ZN C . -2.39 -5.97 -3.43
C12 XQ5 D . -6.01 -9.48 -1.65
C12 XQ5 D . -7.03 -11.04 -3.20
C13 XQ5 D . -6.64 -10.11 -0.57
C13 XQ5 D . -7.69 -11.61 -2.12
C14 XQ5 D . -7.48 -11.18 -0.79
C14 XQ5 D . -7.55 -11.08 -0.84
C15 XQ5 D . -8.18 -11.89 0.39
C15 XQ5 D . -8.29 -11.68 0.35
C17 XQ5 D . -5.61 -12.29 1.70
C17 XQ5 D . -5.77 -12.38 1.71
C20 XQ5 D . -7.68 -11.61 -2.09
C20 XQ5 D . -6.74 -9.97 -0.65
N27 XQ5 D . -3.23 -7.95 -8.88
N27 XQ5 D . -3.16 -7.95 -8.77
C01 XQ5 D . -4.52 -5.80 -8.79
C01 XQ5 D . -4.49 -5.85 -8.93
C02 XQ5 D . -4.01 -7.03 -8.08
C02 XQ5 D . -4.01 -7.00 -8.07
C03 XQ5 D . -5.17 -7.80 -7.38
C03 XQ5 D . -5.16 -7.77 -7.37
C04 XQ5 D . -4.99 -8.25 -6.06
C04 XQ5 D . -4.97 -8.25 -6.07
C06 XQ5 D . -4.20 -8.70 -4.10
C06 XQ5 D . -4.17 -8.74 -4.11
C07 XQ5 D . -3.17 -8.80 -3.00
C07 XQ5 D . -3.12 -8.89 -3.05
C10 XQ5 D . -5.50 -9.21 -4.10
C10 XQ5 D . -5.46 -9.24 -4.13
C11 XQ5 D . -6.20 -9.93 -2.95
C11 XQ5 D . -6.21 -9.96 -3.00
C22 XQ5 D . -7.06 -10.99 -3.17
C22 XQ5 D . -6.10 -9.40 -1.73
C23 XQ5 D . -6.01 -8.91 -5.38
C23 XQ5 D . -5.99 -8.91 -5.39
C24 XQ5 D . -7.23 -9.15 -6.04
C24 XQ5 D . -7.21 -9.13 -6.02
C25 XQ5 D . -7.41 -8.70 -7.34
C25 XQ5 D . -7.42 -8.66 -7.32
C26 XQ5 D . -6.39 -8.03 -8.01
C26 XQ5 D . -6.40 -7.99 -7.99
C28 XQ5 D . -3.02 -8.00 -10.19
C28 XQ5 D . -2.95 -8.16 -10.07
C29 XQ5 D . -2.12 -9.11 -10.36
C29 XQ5 D . -1.98 -9.22 -10.11
C30 XQ5 D . -1.54 -9.66 -11.65
C30 XQ5 D . -1.34 -9.89 -11.32
C32 XQ5 D . -1.90 -11.57 -13.25
C32 XQ5 D . -1.56 -11.94 -12.76
F21 XQ5 D . -8.50 -12.67 -2.34
F21 XQ5 D . -6.58 -9.43 0.59
N05 XQ5 D . -3.95 -8.14 -5.25
N05 XQ5 D . -3.91 -8.16 -5.26
N31 XQ5 D . -2.17 -10.92 -11.98
N31 XQ5 D . -2.09 -11.05 -11.74
N33 XQ5 D . -1.11 -11.10 -14.10
N33 XQ5 D . -0.44 -11.76 -13.30
N34 XQ5 D . -2.54 -12.83 -13.53
N34 XQ5 D . -2.35 -13.09 -13.15
N35 XQ5 D . -1.87 -9.60 -9.15
N35 XQ5 D . -1.72 -9.54 -8.84
N36 XQ5 D . -2.53 -8.89 -8.28
N36 XQ5 D . -2.43 -8.78 -8.07
O08 XQ5 D . -2.35 -7.86 -2.85
O08 XQ5 D . -2.23 -8.02 -2.91
O09 XQ5 D . -3.06 -9.91 -2.40
O09 XQ5 D . -3.05 -10.06 -2.49
O18 XQ5 D . -7.59 -14.01 2.15
O18 XQ5 D . -8.07 -13.58 2.29
O19 XQ5 D . -6.66 -14.08 -0.02
O19 XQ5 D . -7.17 -14.10 0.15
S16 XQ5 D . -7.06 -13.18 1.06
S16 XQ5 D . -7.36 -13.03 1.14
H121 XQ5 D . -5.37 -8.63 -1.47
H121 XQ5 D . -7.16 -11.44 -4.18
H131 XQ5 D . -6.48 -9.75 0.43
H131 XQ5 D . -8.34 -12.46 -2.27
H152 XQ5 D . -8.39 -11.17 1.16
H152 XQ5 D . -8.47 -10.90 1.09
H151 XQ5 D . -9.10 -12.35 0.05
H151 XQ5 D . -9.24 -12.07 0.01
H172 XQ5 D . -4.91 -13.00 2.11
H172 XQ5 D . -5.21 -13.18 2.18
H173 XQ5 D . -5.92 -11.60 2.48
H173 XQ5 D . -5.95 -11.58 2.43
H171 XQ5 D . -5.14 -11.75 0.88
H171 XQ5 D . -5.22 -11.99 0.87
H013 XQ5 D . -4.43 -4.94 -8.14
H013 XQ5 D . -4.51 -4.94 -8.33
H011 XQ5 D . -5.57 -5.94 -9.06
H011 XQ5 D . -5.48 -6.06 -9.30
H012 XQ5 D . -3.94 -5.63 -9.69
H012 XQ5 D . -3.81 -5.71 -9.77
H021 XQ5 D . -3.29 -6.68 -7.34
H021 XQ5 D . -3.38 -6.55 -7.31
H221 XQ5 D . -7.23 -11.34 -4.18
H221 XQ5 D . -5.48 -8.52 -1.57
H241 XQ5 D . -8.03 -9.68 -5.51
H241 XQ5 D . -8.01 -9.66 -5.50
H251 XQ5 D . -8.36 -8.88 -7.84
H251 XQ5 D . -8.37 -8.82 -7.81
H261 XQ5 D . -6.55 -7.70 -9.02
H261 XQ5 D . -6.57 -7.63 -9.00
H281 XQ5 D . -3.44 -7.36 -10.96
H281 XQ5 D . -3.40 -7.64 -10.91
H302 XQ5 D . -1.72 -8.96 -12.46
H302 XQ5 D . -1.30 -9.18 -12.13
H301 XQ5 D . -0.47 -9.81 -11.54
H301 XQ5 D . -0.33 -10.21 -11.05
H051 XQ5 D . -3.08 -7.69 -5.49
H051 XQ5 D . -3.05 -7.72 -5.49
H311 XQ5 D . -2.79 -11.34 -11.33
H311 XQ5 D . -2.99 -11.24 -11.34
H331 XQ5 D . -0.64 -10.24 -13.94
H331 XQ5 D . 0.15 -11.00 -13.06
H341 XQ5 D . -3.17 -13.22 -12.87
H341 XQ5 D . -3.24 -13.24 -12.73
H342 XQ5 D . -2.36 -13.29 -14.40
H342 XQ5 D . -2.01 -13.72 -13.84
#